data_9EO8
#
_entry.id   9EO8
#
_cell.length_a   100.920
_cell.length_b   32.880
_cell.length_c   74.000
_cell.angle_alpha   90.000
_cell.angle_beta   90.308
_cell.angle_gamma   90.000
#
_symmetry.space_group_name_H-M   'C 1 2 1'
#
loop_
_entity.id
_entity.type
_entity.pdbx_description
1 polymer 'Ribonuclease pancreatic'
2 non-polymer AMMONIA
3 non-polymer 'PLATINUM (II) ION'
4 non-polymer 'CHLORIDE ION'
5 non-polymer azanyl-chloranyl-(2-methylpyridin-1-ium-1-yl)platinum
6 water water
#
_entity_poly.entity_id   1
_entity_poly.type   'polypeptide(L)'
_entity_poly.pdbx_seq_one_letter_code
;KETAAAKFERQHMDSSTSAASSSNYCNQMMKSRNLTKDRCKPVNTFVHESLADVQAVCSQKNVACKNGQTNCYQSYSTMS
ITDCRETGSSKYPNCAYKTTQANKHIIVACEGNPYVPVHFDASV
;
_entity_poly.pdbx_strand_id   AAA,BBB
#
loop_
_chem_comp.id
_chem_comp.type
_chem_comp.name
_chem_comp.formula
A1H58 non-polymer azanyl-chloranyl-(2-methylpyridin-1-ium-1-yl)platinum 'C6 H9 Cl N2 Pt 1'
CL non-polymer 'CHLORIDE ION' 'Cl -1'
NH3 non-polymer AMMONIA 'H3 N'
PT non-polymer 'PLATINUM (II) ION' 'Pt 2'
#
# COMPACT_ATOMS: atom_id res chain seq x y z
N LYS A 1 -14.48 9.01 5.17
CA LYS A 1 -13.76 10.30 5.41
C LYS A 1 -12.56 10.45 4.47
N GLU A 2 -12.43 9.61 3.44
CA GLU A 2 -11.35 9.71 2.41
C GLU A 2 -11.53 10.99 1.58
N THR A 3 -10.49 11.80 1.44
CA THR A 3 -10.51 13.03 0.59
C THR A 3 -10.52 12.58 -0.89
N ALA A 4 -11.00 13.43 -1.80
CA ALA A 4 -10.92 13.22 -3.27
C ALA A 4 -9.47 12.95 -3.68
N ALA A 5 -8.49 13.70 -3.17
CA ALA A 5 -7.06 13.51 -3.49
C ALA A 5 -6.59 12.14 -3.02
N ALA A 6 -7.07 11.68 -1.87
CA ALA A 6 -6.63 10.37 -1.31
C ALA A 6 -7.24 9.26 -2.16
N LYS A 7 -8.49 9.47 -2.56
CA LYS A 7 -9.20 8.47 -3.39
C LYS A 7 -8.48 8.34 -4.73
N PHE A 8 -8.03 9.43 -5.32
CA PHE A 8 -7.28 9.36 -6.60
C PHE A 8 -5.99 8.52 -6.42
N GLU A 9 -5.23 8.75 -5.34
CA GLU A 9 -4.01 7.97 -5.05
C GLU A 9 -4.36 6.51 -4.89
N ARG A 10 -5.43 6.17 -4.18
CA ARG A 10 -5.78 4.73 -3.95
C ARG A 10 -6.19 4.05 -5.27
N GLN A 11 -7.02 4.70 -6.07
N GLN A 11 -6.99 4.71 -6.10
CA GLN A 11 -7.54 4.11 -7.35
CA GLN A 11 -7.54 4.09 -7.34
C GLN A 11 -6.49 4.10 -8.47
C GLN A 11 -6.62 4.21 -8.56
N HIS A 12 -5.61 5.10 -8.55
CA HIS A 12 -4.87 5.43 -9.82
C HIS A 12 -3.36 5.48 -9.69
N MET A 13 -2.79 5.53 -8.50
CA MET A 13 -1.31 5.64 -8.36
C MET A 13 -0.72 4.26 -8.02
N ASP A 14 0.33 3.85 -8.74
CA ASP A 14 1.22 2.74 -8.31
C ASP A 14 2.66 3.19 -8.52
N SER A 15 3.23 3.84 -7.52
CA SER A 15 4.61 4.40 -7.55
C SER A 15 5.67 3.34 -7.19
N SER A 16 5.30 2.08 -6.98
CA SER A 16 6.21 1.00 -6.52
C SER A 16 7.46 0.97 -7.43
N SER A 22 3.42 -8.54 -14.15
CA SER A 22 2.94 -9.92 -14.45
C SER A 22 1.53 -9.85 -15.08
N SER A 23 1.07 -10.97 -15.66
CA SER A 23 -0.26 -11.05 -16.33
C SER A 23 -1.37 -10.88 -15.28
N ASN A 24 -1.05 -11.14 -14.02
CA ASN A 24 -2.03 -11.17 -12.89
C ASN A 24 -2.00 -9.85 -12.12
N TYR A 25 -1.24 -8.86 -12.58
CA TYR A 25 -1.10 -7.52 -11.93
C TYR A 25 -2.50 -6.93 -11.60
N CYS A 26 -3.35 -6.79 -12.62
CA CYS A 26 -4.68 -6.16 -12.42
C CYS A 26 -5.51 -6.96 -11.42
N ASN A 27 -5.50 -8.30 -11.51
CA ASN A 27 -6.25 -9.17 -10.55
C ASN A 27 -5.82 -8.79 -9.13
N GLN A 28 -4.51 -8.67 -8.90
CA GLN A 28 -3.90 -8.45 -7.57
C GLN A 28 -4.11 -6.99 -7.12
N MET A 29 -3.94 -6.04 -8.05
N MET A 29 -3.97 -6.04 -8.05
CA MET A 29 -4.01 -4.57 -7.77
CA MET A 29 -4.02 -4.58 -7.71
C MET A 29 -5.45 -4.14 -7.53
C MET A 29 -5.46 -4.10 -7.54
N MET A 30 -6.38 -4.57 -8.38
CA MET A 30 -7.82 -4.21 -8.24
C MET A 30 -8.30 -4.66 -6.85
N LYS A 31 -7.88 -5.84 -6.38
CA LYS A 31 -8.19 -6.38 -5.02
C LYS A 31 -7.60 -5.49 -3.91
N SER A 32 -6.29 -5.26 -3.93
CA SER A 32 -5.52 -4.59 -2.83
C SER A 32 -5.91 -3.10 -2.69
N ARG A 33 -6.51 -2.51 -3.74
CA ARG A 33 -7.00 -1.10 -3.72
C ARG A 33 -8.50 -1.03 -3.39
N ASN A 34 -9.13 -2.15 -2.99
CA ASN A 34 -10.54 -2.22 -2.54
C ASN A 34 -11.49 -1.89 -3.71
N LEU A 35 -11.13 -2.26 -4.94
CA LEU A 35 -11.96 -1.97 -6.15
C LEU A 35 -12.70 -3.24 -6.60
N THR A 36 -12.72 -4.30 -5.79
CA THR A 36 -13.55 -5.51 -6.07
C THR A 36 -14.43 -5.85 -4.87
N LYS A 37 -14.61 -4.91 -3.94
CA LYS A 37 -15.23 -5.16 -2.61
C LYS A 37 -16.70 -5.59 -2.74
N ASP A 38 -17.54 -4.75 -3.32
CA ASP A 38 -19.02 -4.97 -3.38
C ASP A 38 -19.42 -5.37 -4.80
N ARG A 39 -18.70 -4.84 -5.80
CA ARG A 39 -18.87 -5.16 -7.25
C ARG A 39 -17.46 -5.22 -7.85
N CYS A 40 -17.32 -5.78 -9.05
CA CYS A 40 -16.06 -5.69 -9.83
C CYS A 40 -16.06 -4.31 -10.52
N LYS A 41 -15.20 -3.37 -10.12
CA LYS A 41 -15.01 -2.10 -10.90
C LYS A 41 -14.59 -2.51 -12.32
N PRO A 42 -15.37 -2.18 -13.38
CA PRO A 42 -15.07 -2.71 -14.71
C PRO A 42 -13.77 -2.22 -15.36
N VAL A 43 -13.43 -0.91 -15.24
CA VAL A 43 -12.29 -0.32 -15.99
C VAL A 43 -11.53 0.58 -15.00
N ASN A 44 -10.22 0.48 -14.98
CA ASN A 44 -9.41 1.37 -14.12
C ASN A 44 -8.00 1.48 -14.67
N THR A 45 -7.39 2.64 -14.55
CA THR A 45 -6.01 2.85 -15.02
C THR A 45 -5.10 3.12 -13.83
N PHE A 46 -3.94 2.47 -13.78
CA PHE A 46 -2.87 2.80 -12.80
C PHE A 46 -1.74 3.55 -13.49
N VAL A 47 -1.26 4.58 -12.84
CA VAL A 47 -0.09 5.37 -13.34
C VAL A 47 1.16 4.91 -12.58
N HIS A 48 2.15 4.44 -13.36
CA HIS A 48 3.46 3.89 -12.89
C HIS A 48 4.50 5.01 -12.96
N GLU A 49 4.29 6.05 -12.15
CA GLU A 49 5.16 7.23 -12.09
C GLU A 49 5.20 7.71 -10.63
N SER A 50 6.10 8.64 -10.34
CA SER A 50 6.21 9.22 -8.99
C SER A 50 4.95 10.06 -8.74
N LEU A 51 4.55 10.16 -7.48
CA LEU A 51 3.46 11.08 -7.07
C LEU A 51 3.84 12.50 -7.49
N ALA A 52 5.07 12.94 -7.27
CA ALA A 52 5.49 14.30 -7.69
C ALA A 52 5.27 14.55 -9.19
N ASP A 53 5.64 13.62 -10.06
CA ASP A 53 5.47 13.77 -11.52
C ASP A 53 3.96 13.84 -11.90
N VAL A 54 3.13 13.05 -11.25
CA VAL A 54 1.66 13.08 -11.53
C VAL A 54 1.05 14.39 -10.99
N GLN A 55 1.42 14.83 -9.79
CA GLN A 55 0.94 16.12 -9.25
C GLN A 55 1.34 17.29 -10.14
N ALA A 56 2.51 17.19 -10.81
CA ALA A 56 2.99 18.27 -11.68
C ALA A 56 2.06 18.45 -12.88
N VAL A 57 1.26 17.45 -13.25
CA VAL A 57 0.34 17.59 -14.42
C VAL A 57 -0.61 18.78 -14.22
N CYS A 58 -0.93 19.14 -12.98
CA CYS A 58 -1.84 20.25 -12.62
C CYS A 58 -1.26 21.62 -13.03
N SER A 59 0.01 21.68 -13.49
CA SER A 59 0.66 22.91 -14.03
C SER A 59 1.00 22.76 -15.53
N GLN A 60 0.43 21.78 -16.21
CA GLN A 60 0.74 21.51 -17.65
C GLN A 60 -0.43 21.98 -18.53
N LYS A 61 -0.86 21.19 -19.52
CA LYS A 61 -1.73 21.71 -20.57
C LYS A 61 -3.18 21.75 -20.08
N ASN A 62 -3.77 22.93 -19.95
CA ASN A 62 -5.19 23.03 -19.52
C ASN A 62 -6.12 22.66 -20.69
N VAL A 63 -7.06 21.73 -20.44
CA VAL A 63 -8.06 21.21 -21.42
C VAL A 63 -9.43 21.11 -20.75
N ALA A 64 -10.54 21.00 -21.51
CA ALA A 64 -11.87 20.68 -20.93
C ALA A 64 -11.85 19.23 -20.42
N CYS A 65 -12.56 18.97 -19.33
CA CYS A 65 -12.90 17.63 -18.84
C CYS A 65 -14.08 17.07 -19.66
N LYS A 66 -14.30 15.77 -19.53
CA LYS A 66 -15.39 15.05 -20.24
C LYS A 66 -16.73 15.69 -19.89
N ASN A 67 -16.86 16.09 -18.63
CA ASN A 67 -18.13 16.59 -18.07
C ASN A 67 -18.35 18.07 -18.36
N GLY A 68 -17.42 18.76 -19.08
CA GLY A 68 -17.54 20.18 -19.45
C GLY A 68 -16.87 21.19 -18.52
N GLN A 69 -16.40 20.81 -17.32
CA GLN A 69 -15.56 21.69 -16.45
C GLN A 69 -14.23 21.98 -17.18
N THR A 70 -13.53 23.03 -16.76
CA THR A 70 -12.23 23.43 -17.37
C THR A 70 -11.06 23.32 -16.40
N ASN A 71 -11.17 22.47 -15.39
CA ASN A 71 -10.07 22.22 -14.42
C ASN A 71 -9.38 20.89 -14.78
N CYS A 72 -9.32 20.52 -16.07
CA CYS A 72 -8.56 19.34 -16.53
C CYS A 72 -7.21 19.75 -17.13
N TYR A 73 -6.29 18.83 -17.01
CA TYR A 73 -4.90 19.01 -17.47
C TYR A 73 -4.41 17.74 -18.16
N GLN A 74 -3.73 17.97 -19.28
CA GLN A 74 -3.04 16.92 -20.03
C GLN A 74 -1.56 16.95 -19.70
N SER A 75 -0.98 15.80 -19.44
CA SER A 75 0.49 15.67 -19.24
C SER A 75 1.24 16.05 -20.53
N TYR A 76 2.28 16.87 -20.42
CA TYR A 76 3.11 17.21 -21.60
C TYR A 76 3.84 15.94 -22.09
N SER A 77 4.28 15.08 -21.18
CA SER A 77 5.02 13.83 -21.48
C SER A 77 4.04 12.65 -21.48
N THR A 78 4.39 11.59 -22.21
CA THR A 78 3.79 10.24 -22.04
C THR A 78 4.25 9.70 -20.68
N MET A 79 3.43 8.89 -20.05
CA MET A 79 3.72 8.22 -18.76
C MET A 79 3.45 6.74 -18.90
N SER A 80 4.13 5.92 -18.10
CA SER A 80 3.88 4.47 -17.99
C SER A 80 2.54 4.24 -17.28
N ILE A 81 1.59 3.58 -17.93
CA ILE A 81 0.24 3.30 -17.35
C ILE A 81 -0.07 1.82 -17.55
N THR A 82 -0.88 1.23 -16.66
CA THR A 82 -1.50 -0.11 -16.82
C THR A 82 -3.01 0.09 -16.93
N ASP A 83 -3.63 -0.37 -18.02
CA ASP A 83 -5.10 -0.35 -18.14
C ASP A 83 -5.59 -1.69 -17.59
N CYS A 84 -6.56 -1.68 -16.68
CA CYS A 84 -7.22 -2.91 -16.17
C CYS A 84 -8.64 -2.91 -16.73
N ARG A 85 -9.06 -3.99 -17.40
CA ARG A 85 -10.45 -4.07 -17.90
C ARG A 85 -10.99 -5.47 -17.68
N GLU A 86 -12.18 -5.51 -17.07
CA GLU A 86 -12.81 -6.76 -16.66
C GLU A 86 -13.08 -7.60 -17.93
N THR A 87 -12.90 -8.91 -17.85
CA THR A 87 -13.12 -9.82 -19.02
C THR A 87 -14.63 -9.91 -19.27
N GLY A 88 -14.99 -10.32 -20.49
CA GLY A 88 -16.39 -10.64 -20.85
C GLY A 88 -17.03 -11.61 -19.88
N SER A 89 -16.25 -12.55 -19.36
CA SER A 89 -16.73 -13.72 -18.56
C SER A 89 -16.55 -13.50 -17.05
N SER A 90 -16.05 -12.35 -16.61
CA SER A 90 -15.83 -12.02 -15.18
C SER A 90 -17.18 -11.89 -14.46
N LYS A 91 -17.31 -12.51 -13.29
CA LYS A 91 -18.51 -12.52 -12.41
C LYS A 91 -18.07 -12.40 -10.94
N TYR A 92 -18.51 -11.33 -10.27
CA TYR A 92 -18.34 -11.08 -8.82
C TYR A 92 -18.85 -12.31 -8.05
N PRO A 93 -18.16 -12.78 -6.98
CA PRO A 93 -16.99 -12.11 -6.41
C PRO A 93 -15.66 -12.58 -7.00
N ASN A 94 -15.71 -13.34 -8.10
CA ASN A 94 -14.55 -13.87 -8.85
C ASN A 94 -14.21 -12.90 -9.98
N CYS A 95 -13.81 -11.66 -9.64
CA CYS A 95 -13.50 -10.56 -10.58
C CYS A 95 -12.23 -10.90 -11.36
N ALA A 96 -12.27 -10.88 -12.70
CA ALA A 96 -11.13 -11.23 -13.58
C ALA A 96 -10.82 -10.06 -14.52
N TYR A 97 -9.55 -9.69 -14.63
CA TYR A 97 -9.07 -8.52 -15.42
C TYR A 97 -8.01 -8.93 -16.42
N LYS A 98 -8.06 -8.30 -17.60
CA LYS A 98 -6.93 -8.25 -18.55
C LYS A 98 -6.07 -7.02 -18.24
N THR A 99 -4.76 -7.24 -18.20
CA THR A 99 -3.72 -6.23 -17.91
C THR A 99 -3.06 -5.79 -19.21
N THR A 100 -3.06 -4.49 -19.51
CA THR A 100 -2.45 -3.88 -20.72
C THR A 100 -1.57 -2.71 -20.30
N GLN A 101 -0.30 -2.77 -20.66
CA GLN A 101 0.71 -1.73 -20.37
C GLN A 101 0.86 -0.85 -21.63
N ALA A 102 0.95 0.47 -21.45
CA ALA A 102 1.18 1.45 -22.53
C ALA A 102 1.97 2.64 -21.98
N ASN A 103 2.41 3.51 -22.87
N ASN A 103 2.49 3.45 -22.87
CA ASN A 103 3.07 4.81 -22.57
CA ASN A 103 3.04 4.80 -22.59
C ASN A 103 2.22 5.89 -23.24
C ASN A 103 2.11 5.81 -23.26
N LYS A 104 1.41 6.62 -22.45
CA LYS A 104 0.38 7.53 -22.98
C LYS A 104 0.35 8.82 -22.16
N HIS A 105 -0.18 9.89 -22.74
CA HIS A 105 -0.51 11.11 -21.96
C HIS A 105 -1.67 10.74 -21.06
N ILE A 106 -1.73 11.35 -19.89
CA ILE A 106 -2.88 11.26 -18.96
C ILE A 106 -3.58 12.62 -18.92
N ILE A 107 -4.86 12.59 -18.66
CA ILE A 107 -5.67 13.82 -18.44
C ILE A 107 -6.29 13.66 -17.06
N VAL A 108 -6.07 14.62 -16.18
CA VAL A 108 -6.61 14.55 -14.80
C VAL A 108 -7.35 15.85 -14.50
N ALA A 109 -8.31 15.79 -13.61
CA ALA A 109 -8.95 17.00 -13.04
C ALA A 109 -8.19 17.37 -11.78
N CYS A 110 -7.92 18.66 -11.57
CA CYS A 110 -7.19 19.15 -10.38
C CYS A 110 -8.08 20.08 -9.53
N GLU A 111 -7.96 19.93 -8.21
CA GLU A 111 -8.73 20.79 -7.29
C GLU A 111 -8.01 20.91 -5.96
N GLY A 112 -8.32 22.01 -5.28
CA GLY A 112 -8.05 22.15 -3.85
C GLY A 112 -6.70 22.78 -3.61
N ASN A 113 -6.32 22.85 -2.34
CA ASN A 113 -5.06 23.48 -1.90
C ASN A 113 -4.41 22.55 -0.88
N PRO A 114 -3.31 21.85 -1.24
CA PRO A 114 -2.64 22.01 -2.54
C PRO A 114 -3.44 21.52 -3.76
N TYR A 115 -3.17 22.10 -4.93
CA TYR A 115 -3.91 21.87 -6.19
C TYR A 115 -3.40 20.60 -6.86
N VAL A 116 -4.07 19.48 -6.63
CA VAL A 116 -3.60 18.11 -6.97
C VAL A 116 -4.70 17.35 -7.72
N PRO A 117 -4.37 16.20 -8.34
CA PRO A 117 -5.36 15.43 -9.10
C PRO A 117 -6.43 14.86 -8.19
N VAL A 118 -7.69 14.98 -8.61
CA VAL A 118 -8.86 14.43 -7.89
C VAL A 118 -9.68 13.47 -8.75
N HIS A 119 -9.47 13.41 -10.08
N HIS A 119 -9.38 13.40 -10.03
CA HIS A 119 -10.30 12.60 -11.02
CA HIS A 119 -10.13 12.56 -10.98
C HIS A 119 -9.46 12.26 -12.26
C HIS A 119 -9.22 12.20 -12.13
N PHE A 120 -9.34 10.96 -12.58
CA PHE A 120 -8.67 10.44 -13.78
C PHE A 120 -9.62 10.59 -14.96
N ASP A 121 -9.37 11.54 -15.88
CA ASP A 121 -10.34 11.79 -16.97
C ASP A 121 -10.10 10.79 -18.10
N ALA A 122 -8.87 10.62 -18.57
CA ALA A 122 -8.59 9.74 -19.73
C ALA A 122 -7.10 9.53 -19.90
N SER A 123 -6.70 8.53 -20.69
CA SER A 123 -5.34 8.46 -21.28
C SER A 123 -5.46 8.65 -22.78
N VAL A 124 -4.48 9.31 -23.39
CA VAL A 124 -4.47 9.61 -24.86
C VAL A 124 -3.11 9.19 -25.43
N LYS B 1 26.91 -6.97 7.51
CA LYS B 1 25.95 -6.19 8.33
C LYS B 1 24.51 -6.47 7.84
N GLU B 2 23.63 -6.98 8.72
CA GLU B 2 22.20 -7.26 8.40
C GLU B 2 21.53 -5.96 7.93
N THR B 3 20.89 -5.96 6.76
CA THR B 3 20.20 -4.75 6.19
C THR B 3 18.91 -4.48 6.98
N ALA B 4 18.39 -3.26 6.90
CA ALA B 4 17.12 -2.82 7.52
C ALA B 4 15.95 -3.65 6.95
N ALA B 5 15.90 -3.86 5.63
CA ALA B 5 14.84 -4.63 4.97
C ALA B 5 14.90 -6.08 5.48
N ALA B 6 16.10 -6.66 5.55
CA ALA B 6 16.35 -8.01 6.09
C ALA B 6 15.85 -8.10 7.54
N LYS B 7 16.18 -7.12 8.36
CA LYS B 7 15.81 -7.10 9.79
C LYS B 7 14.28 -7.04 9.90
N PHE B 8 13.62 -6.22 9.06
CA PHE B 8 12.14 -6.09 9.11
C PHE B 8 11.53 -7.45 8.81
N GLU B 9 12.03 -8.17 7.79
CA GLU B 9 11.48 -9.49 7.41
C GLU B 9 11.64 -10.49 8.58
N ARG B 10 12.79 -10.48 9.23
CA ARG B 10 13.08 -11.43 10.34
C ARG B 10 12.19 -11.09 11.56
N GLN B 11 12.07 -9.81 11.87
CA GLN B 11 11.36 -9.37 13.09
C GLN B 11 9.84 -9.32 12.88
N HIS B 12 9.31 -9.24 11.64
CA HIS B 12 7.86 -8.94 11.45
C HIS B 12 7.10 -9.80 10.43
N MET B 13 7.76 -10.54 9.54
CA MET B 13 7.07 -11.31 8.48
C MET B 13 6.91 -12.78 8.94
N ASP B 14 5.69 -13.31 8.81
CA ASP B 14 5.42 -14.78 8.88
C ASP B 14 4.52 -15.17 7.72
N SER B 15 5.13 -15.40 6.55
CA SER B 15 4.44 -15.82 5.30
C SER B 15 4.36 -17.35 5.26
N SER B 23 -1.35 -20.77 21.59
CA SER B 23 -0.91 -20.14 22.86
C SER B 23 0.62 -20.17 23.00
N ASN B 24 1.31 -21.03 22.25
CA ASN B 24 2.79 -21.20 22.28
C ASN B 24 3.47 -20.33 21.21
N TYR B 25 2.75 -19.99 20.12
CA TYR B 25 3.25 -19.32 18.89
C TYR B 25 4.34 -18.28 19.22
N CYS B 26 4.04 -17.30 20.10
CA CYS B 26 4.92 -16.16 20.45
C CYS B 26 6.16 -16.62 21.24
N ASN B 27 6.03 -17.56 22.17
CA ASN B 27 7.20 -18.05 22.95
C ASN B 27 8.22 -18.60 21.95
N GLN B 28 7.77 -19.45 21.03
CA GLN B 28 8.55 -20.14 19.96
C GLN B 28 9.15 -19.10 19.00
N MET B 29 8.32 -18.20 18.46
CA MET B 29 8.70 -17.29 17.34
C MET B 29 9.66 -16.21 17.83
N MET B 30 9.41 -15.61 18.99
CA MET B 30 10.29 -14.57 19.56
C MET B 30 11.71 -15.11 19.79
N LYS B 31 11.85 -16.40 20.13
CA LYS B 31 13.18 -17.02 20.37
C LYS B 31 13.83 -17.32 19.02
N SER B 32 13.10 -18.04 18.15
CA SER B 32 13.58 -18.59 16.86
C SER B 32 13.77 -17.50 15.79
N ARG B 33 13.38 -16.23 16.07
CA ARG B 33 13.70 -15.03 15.22
C ARG B 33 14.71 -14.14 15.95
N ASN B 34 15.28 -14.64 17.05
CA ASN B 34 16.44 -14.03 17.74
C ASN B 34 16.05 -12.70 18.40
N LEU B 35 14.79 -12.54 18.80
CA LEU B 35 14.30 -11.29 19.42
C LEU B 35 14.55 -11.32 20.93
N THR B 36 14.52 -12.51 21.55
CA THR B 36 14.91 -12.75 22.96
C THR B 36 16.37 -13.22 23.02
N LYS B 37 17.34 -12.30 23.02
CA LYS B 37 18.79 -12.65 23.06
C LYS B 37 19.55 -11.71 24.00
N ASP B 38 19.45 -10.40 23.78
CA ASP B 38 20.06 -9.36 24.65
C ASP B 38 19.05 -8.93 25.72
N ARG B 39 17.79 -9.37 25.58
CA ARG B 39 16.70 -9.12 26.55
C ARG B 39 15.44 -9.84 26.09
N CYS B 40 14.38 -9.76 26.90
CA CYS B 40 12.99 -10.04 26.47
C CYS B 40 12.45 -8.78 25.79
N LYS B 41 12.43 -8.76 24.47
CA LYS B 41 11.78 -7.68 23.69
C LYS B 41 10.36 -7.58 24.20
N PRO B 42 9.90 -6.43 24.75
CA PRO B 42 8.63 -6.38 25.46
C PRO B 42 7.40 -6.67 24.57
N VAL B 43 7.33 -6.10 23.37
CA VAL B 43 6.17 -6.26 22.42
C VAL B 43 6.74 -6.47 21.01
N ASN B 44 6.09 -7.30 20.19
CA ASN B 44 6.45 -7.43 18.76
C ASN B 44 5.22 -7.86 17.98
N THR B 45 5.11 -7.48 16.70
CA THR B 45 3.96 -7.85 15.84
C THR B 45 4.48 -8.63 14.63
N PHE B 46 3.88 -9.79 14.36
CA PHE B 46 4.16 -10.60 13.15
C PHE B 46 2.99 -10.45 12.18
N VAL B 47 3.28 -10.21 10.91
CA VAL B 47 2.26 -10.08 9.83
C VAL B 47 2.15 -11.40 9.07
N HIS B 48 0.96 -12.01 9.11
CA HIS B 48 0.67 -13.33 8.51
C HIS B 48 0.09 -13.07 7.10
N GLU B 49 0.94 -12.58 6.20
CA GLU B 49 0.65 -12.22 4.79
C GLU B 49 1.89 -12.51 3.96
N SER B 50 1.78 -12.51 2.63
CA SER B 50 2.92 -12.66 1.70
C SER B 50 3.84 -11.44 1.76
N LEU B 51 5.12 -11.66 1.51
CA LEU B 51 6.13 -10.58 1.42
C LEU B 51 5.71 -9.53 0.37
N ALA B 52 5.13 -9.96 -0.75
CA ALA B 52 4.70 -9.09 -1.86
C ALA B 52 3.56 -8.20 -1.38
N ASP B 53 2.61 -8.77 -0.64
CA ASP B 53 1.44 -8.04 -0.08
C ASP B 53 1.94 -6.93 0.87
N VAL B 54 2.85 -7.24 1.80
CA VAL B 54 3.40 -6.23 2.74
C VAL B 54 4.27 -5.20 1.97
N GLN B 55 5.10 -5.62 1.00
CA GLN B 55 5.93 -4.67 0.21
C GLN B 55 5.02 -3.68 -0.54
N ALA B 56 3.82 -4.11 -0.97
CA ALA B 56 2.87 -3.25 -1.74
C ALA B 56 2.39 -2.08 -0.86
N VAL B 57 2.47 -2.21 0.45
CA VAL B 57 1.96 -1.17 1.39
C VAL B 57 2.79 0.11 1.18
N CYS B 58 4.04 0.01 0.74
CA CYS B 58 4.94 1.18 0.51
C CYS B 58 4.40 2.09 -0.60
N SER B 59 3.36 1.64 -1.32
N SER B 59 3.40 1.65 -1.36
CA SER B 59 2.69 2.39 -2.41
CA SER B 59 2.71 2.47 -2.38
C SER B 59 1.26 2.81 -2.01
C SER B 59 1.21 2.60 -2.05
N GLN B 60 0.84 2.53 -0.76
CA GLN B 60 -0.57 2.72 -0.32
C GLN B 60 -0.70 4.05 0.48
N LYS B 61 -1.48 4.12 1.54
CA LYS B 61 -1.87 5.44 2.09
C LYS B 61 -0.70 6.12 2.86
N ASN B 62 -0.14 7.22 2.36
CA ASN B 62 0.94 7.95 3.08
C ASN B 62 0.34 8.59 4.35
N VAL B 63 0.96 8.31 5.49
CA VAL B 63 0.58 8.81 6.83
C VAL B 63 1.85 9.23 7.59
N ALA B 64 1.72 10.12 8.57
CA ALA B 64 2.82 10.51 9.47
C ALA B 64 3.29 9.30 10.29
N CYS B 65 4.59 9.10 10.43
CA CYS B 65 5.18 8.13 11.38
C CYS B 65 5.08 8.64 12.83
N LYS B 66 4.99 7.74 13.78
CA LYS B 66 4.99 8.09 15.23
C LYS B 66 6.19 8.97 15.59
N ASN B 67 7.33 8.82 14.91
CA ASN B 67 8.54 9.64 15.19
C ASN B 67 8.54 10.98 14.44
N GLY B 68 7.47 11.33 13.71
CA GLY B 68 7.28 12.60 13.00
C GLY B 68 7.82 12.62 11.57
N GLN B 69 8.55 11.56 11.16
N GLN B 69 8.54 11.57 11.15
CA GLN B 69 9.01 11.40 9.75
CA GLN B 69 9.00 11.41 9.74
C GLN B 69 7.77 11.19 8.87
C GLN B 69 7.76 11.20 8.87
N THR B 70 7.93 11.32 7.55
CA THR B 70 6.79 11.38 6.58
C THR B 70 6.70 10.11 5.74
N ASN B 71 7.53 9.11 6.02
CA ASN B 71 7.71 7.93 5.15
C ASN B 71 6.95 6.71 5.70
N CYS B 72 5.78 6.89 6.31
CA CYS B 72 4.91 5.78 6.77
C CYS B 72 3.70 5.61 5.86
N TYR B 73 3.24 4.38 5.81
CA TYR B 73 2.16 3.97 4.88
C TYR B 73 1.24 2.97 5.55
N GLN B 74 -0.04 3.23 5.40
CA GLN B 74 -1.11 2.44 6.03
C GLN B 74 -1.71 1.53 4.95
N SER B 75 -1.98 0.26 5.23
CA SER B 75 -2.60 -0.66 4.25
C SER B 75 -4.07 -0.26 4.01
N TYR B 76 -4.51 -0.40 2.78
CA TYR B 76 -5.92 -0.10 2.39
C TYR B 76 -6.83 -1.18 2.96
N SER B 77 -6.34 -2.41 3.09
N SER B 77 -6.35 -2.41 3.07
CA SER B 77 -7.12 -3.56 3.61
CA SER B 77 -7.12 -3.54 3.64
C SER B 77 -6.55 -4.03 4.95
C SER B 77 -6.59 -3.89 5.04
N THR B 78 -7.38 -4.62 5.81
CA THR B 78 -6.92 -5.23 7.08
C THR B 78 -6.03 -6.42 6.69
N MET B 79 -5.11 -6.77 7.56
N MET B 79 -5.13 -6.79 7.58
CA MET B 79 -4.21 -7.94 7.40
CA MET B 79 -4.18 -7.92 7.40
C MET B 79 -4.24 -8.76 8.67
C MET B 79 -4.17 -8.75 8.67
N SER B 80 -3.97 -10.06 8.55
CA SER B 80 -3.85 -10.95 9.71
C SER B 80 -2.51 -10.70 10.40
N ILE B 81 -2.56 -10.34 11.68
CA ILE B 81 -1.37 -10.05 12.51
C ILE B 81 -1.46 -10.84 13.81
N THR B 82 -0.31 -11.16 14.38
CA THR B 82 -0.16 -11.70 15.76
C THR B 82 0.67 -10.71 16.60
N ASP B 83 0.09 -10.23 17.69
CA ASP B 83 0.75 -9.39 18.73
C ASP B 83 1.34 -10.32 19.80
N CYS B 84 2.64 -10.15 20.09
CA CYS B 84 3.36 -10.80 21.20
C CYS B 84 3.67 -9.78 22.30
N ARG B 85 3.26 -10.06 23.53
CA ARG B 85 3.33 -9.14 24.70
C ARG B 85 3.86 -9.95 25.88
N GLU B 86 5.01 -9.54 26.42
CA GLU B 86 5.74 -10.21 27.55
C GLU B 86 4.79 -10.34 28.74
N THR B 87 4.85 -11.44 29.51
CA THR B 87 4.06 -11.60 30.77
C THR B 87 4.82 -10.95 31.93
N GLY B 88 4.14 -10.70 33.05
CA GLY B 88 4.75 -10.23 34.32
C GLY B 88 5.78 -11.24 34.80
N SER B 89 5.38 -12.51 34.86
CA SER B 89 6.22 -13.67 35.26
C SER B 89 7.49 -13.72 34.41
N SER B 90 7.35 -13.67 33.07
CA SER B 90 8.46 -13.64 32.08
C SER B 90 9.67 -12.94 32.69
N LYS B 91 10.80 -13.63 32.77
CA LYS B 91 12.07 -13.08 33.31
C LYS B 91 13.22 -13.63 32.46
N TYR B 92 14.08 -12.74 31.97
CA TYR B 92 15.26 -13.06 31.14
C TYR B 92 16.20 -13.92 31.98
N PRO B 93 16.72 -15.06 31.45
CA PRO B 93 16.58 -15.40 30.03
C PRO B 93 15.42 -16.36 29.70
N ASN B 94 14.42 -16.45 30.58
CA ASN B 94 13.17 -17.24 30.37
C ASN B 94 12.06 -16.28 29.97
N CYS B 95 12.02 -15.88 28.70
CA CYS B 95 11.03 -14.89 28.17
C CYS B 95 9.73 -15.62 27.84
N ALA B 96 8.60 -15.05 28.23
CA ALA B 96 7.26 -15.68 28.03
C ALA B 96 6.27 -14.62 27.54
N TYR B 97 5.42 -15.00 26.60
CA TYR B 97 4.66 -14.06 25.75
C TYR B 97 3.20 -14.51 25.62
N LYS B 98 2.28 -13.58 25.82
CA LYS B 98 0.85 -13.77 25.47
C LYS B 98 0.71 -13.57 23.96
N THR B 99 0.09 -14.54 23.27
CA THR B 99 -0.22 -14.53 21.82
C THR B 99 -1.64 -13.99 21.60
N THR B 100 -1.81 -12.90 20.84
CA THR B 100 -3.13 -12.34 20.44
C THR B 100 -3.23 -12.22 18.92
N GLN B 101 -4.25 -12.82 18.31
CA GLN B 101 -4.49 -12.75 16.84
C GLN B 101 -5.48 -11.61 16.58
N ALA B 102 -5.30 -10.83 15.50
CA ALA B 102 -6.20 -9.72 15.11
C ALA B 102 -6.18 -9.53 13.59
N ASN B 103 -7.22 -8.92 13.03
CA ASN B 103 -7.25 -8.46 11.62
C ASN B 103 -7.31 -6.93 11.63
N LYS B 104 -6.20 -6.27 11.27
CA LYS B 104 -6.05 -4.81 11.45
C LYS B 104 -5.28 -4.23 10.27
N HIS B 105 -5.46 -2.95 10.01
N HIS B 105 -5.46 -2.94 9.99
CA HIS B 105 -4.60 -2.17 9.08
CA HIS B 105 -4.58 -2.19 9.07
C HIS B 105 -3.20 -2.08 9.68
C HIS B 105 -3.20 -2.11 9.68
N ILE B 106 -2.15 -2.24 8.88
CA ILE B 106 -0.77 -2.11 9.42
C ILE B 106 -0.21 -0.79 8.89
N ILE B 107 0.71 -0.19 9.63
CA ILE B 107 1.47 1.02 9.23
C ILE B 107 2.95 0.68 9.30
N VAL B 108 3.66 0.90 8.19
CA VAL B 108 5.08 0.52 8.03
C VAL B 108 5.82 1.74 7.52
N ALA B 109 7.08 1.87 7.90
CA ALA B 109 7.99 2.93 7.34
C ALA B 109 8.78 2.31 6.21
N CYS B 110 8.96 3.00 5.10
CA CYS B 110 9.62 2.42 3.91
C CYS B 110 10.80 3.30 3.52
N GLU B 111 11.86 2.68 3.01
CA GLU B 111 13.08 3.42 2.63
C GLU B 111 13.72 2.65 1.48
N GLY B 112 14.62 3.32 0.74
CA GLY B 112 15.55 2.63 -0.16
C GLY B 112 15.14 2.70 -1.61
N ASN B 113 16.05 2.20 -2.45
CA ASN B 113 15.77 1.81 -3.84
C ASN B 113 16.29 0.38 -4.05
N PRO B 114 15.41 -0.65 -4.12
CA PRO B 114 13.96 -0.44 -4.12
C PRO B 114 13.36 0.01 -2.76
N TYR B 115 12.16 0.58 -2.82
CA TYR B 115 11.45 1.20 -1.66
C TYR B 115 10.68 0.11 -0.92
N VAL B 116 11.14 -0.24 0.26
CA VAL B 116 10.68 -1.47 0.97
C VAL B 116 10.49 -1.15 2.46
N PRO B 117 9.69 -1.97 3.16
CA PRO B 117 9.49 -1.82 4.59
C PRO B 117 10.76 -2.02 5.41
N VAL B 118 10.99 -1.11 6.35
CA VAL B 118 12.17 -1.16 7.27
C VAL B 118 11.79 -0.98 8.75
N HIS B 119 10.52 -0.71 9.04
N HIS B 119 10.52 -0.69 9.08
CA HIS B 119 10.06 -0.44 10.42
CA HIS B 119 10.07 -0.32 10.45
C HIS B 119 8.58 -0.76 10.49
C HIS B 119 8.57 -0.65 10.56
N PHE B 120 8.15 -1.42 11.57
CA PHE B 120 6.72 -1.66 11.86
C PHE B 120 6.28 -0.56 12.81
N ASP B 121 5.41 0.36 12.35
CA ASP B 121 5.06 1.55 13.15
C ASP B 121 3.83 1.28 14.02
N ALA B 122 2.81 0.59 13.52
CA ALA B 122 1.50 0.53 14.24
C ALA B 122 0.54 -0.42 13.55
N SER B 123 -0.42 -0.92 14.31
CA SER B 123 -1.60 -1.61 13.74
C SER B 123 -2.82 -0.77 14.15
N VAL B 124 -3.78 -0.60 13.24
CA VAL B 124 -4.97 0.29 13.41
C VAL B 124 -6.19 -0.29 12.68
N NH3 C . -10.90 9.09 -10.81
N NH3 D . 4.64 12.71 -26.23
PT PT E . 2.86 12.46 -27.20
PT PT F . -14.32 13.40 -9.56
PT PT G . 4.81 -0.22 -14.74
PT PT H . 5.49 -0.27 -12.60
N NH3 I . 3.50 -0.18 -16.25
CL CL J . -15.20 15.39 -8.44
CL CL K . 1.83 13.12 -27.80
PT PT L . -10.89 6.95 -10.47
PT PT M . -15.31 9.84 -13.71
PT PT M . -14.98 10.75 -15.03
N NH3 N . 10.62 -5.74 16.01
N NH3 O . -3.81 -8.17 3.16
CB A1H58 P . 14.62 0.30 15.35
CG A1H58 P . 16.51 -0.26 13.82
CD1 A1H58 P . 16.96 -0.48 12.52
CE1 A1H58 P . 16.10 -0.37 11.44
CZ A1H58 P . 14.79 -0.06 11.68
NE2 A1H58 P . 14.33 0.16 12.93
CD2 A1H58 P . 15.17 0.06 13.98
PT1 A1H58 P . 12.78 1.22 12.83
CL1 A1H58 P . 11.83 0.00 13.99
N1 A1H58 P . 13.72 2.48 11.78
CB A1H58 Q . -1.06 -16.14 6.78
CG A1H58 Q . -1.30 -18.51 6.10
CD1 A1H58 Q . -1.48 -19.83 6.47
CE1 A1H58 Q . -1.60 -20.18 7.80
CZ A1H58 Q . -1.53 -19.21 8.75
NE2 A1H58 Q . -1.35 -17.92 8.44
CD2 A1H58 Q . -1.25 -17.57 7.13
PT1 A1H58 Q . -0.45 -17.00 9.86
CL1 A1H58 Q . -2.13 -16.64 10.76
N1 A1H58 Q . 1.21 -17.29 8.93
CL CL R . -8.15 4.92 4.72
CL CL S . 10.02 1.13 17.16
N NH3 T . -10.48 1.42 7.60
PT PT U . 10.60 -4.19 14.59
PT PT V . -1.83 -7.74 2.73
PT PT W . -10.70 -0.54 7.94
PT PT W . -10.21 -0.80 6.14
PT PT X . 8.99 2.68 16.11
#